data_3EZI
#
_entry.id   3EZI
#
_cell.length_a   28.241
_cell.length_b   39.822
_cell.length_c   83.947
_cell.angle_alpha   80.760
_cell.angle_beta   89.570
_cell.angle_gamma   85.290
#
_symmetry.space_group_name_H-M   'P 1'
#
loop_
_entity.id
_entity.type
_entity.pdbx_description
1 polymer 'Nitrate/nitrite sensor protein narX'
2 non-polymer 'ISOPROPYL ALCOHOL'
3 water water
#
_entity_poly.entity_id   1
_entity_poly.type   'polypeptide(L)'
_entity_poly.pdbx_seq_one_letter_code
;GSAHAINKAGSLRMQSYRLLAAVPLSEKDKPLIKEMEQTAFSAELTRAAERDGQLAQLQGLQDYWRNELIPALMRAQNRE
TVSADVSQFVAGLDQLVSGFDRTTEMR
;
_entity_poly.pdbx_strand_id   A,B,C,D
#
# COMPACT_ATOMS: atom_id res chain seq x y z
N GLY A 1 -35.27 -0.70 18.59
CA GLY A 1 -33.87 -1.16 18.95
C GLY A 1 -32.91 -0.02 18.71
N SER A 2 -33.53 1.12 18.42
CA SER A 2 -32.90 2.37 18.10
C SER A 2 -32.63 3.29 19.27
N ALA A 3 -33.08 2.92 20.46
CA ALA A 3 -32.89 3.75 21.63
C ALA A 3 -31.46 4.25 21.87
N HIS A 4 -30.49 3.36 21.79
N HIS A 4 -30.50 3.35 21.76
CA HIS A 4 -29.11 3.80 22.02
CA HIS A 4 -29.10 3.70 21.99
C HIS A 4 -28.66 4.76 20.92
C HIS A 4 -28.52 4.61 20.91
N ALA A 5 -28.95 4.41 19.67
CA ALA A 5 -28.50 5.25 18.55
C ALA A 5 -29.10 6.65 18.71
N ILE A 6 -30.35 6.74 19.17
N ILE A 6 -30.35 6.72 19.19
CA ILE A 6 -30.98 8.04 19.34
CA ILE A 6 -31.02 8.01 19.40
C ILE A 6 -30.30 8.80 20.49
C ILE A 6 -30.30 8.80 20.48
N ASN A 7 -29.77 8.08 21.49
N ASN A 7 -29.78 8.11 21.50
CA ASN A 7 -29.08 8.74 22.59
CA ASN A 7 -29.08 8.78 22.58
C ASN A 7 -27.78 9.36 22.08
C ASN A 7 -27.79 9.39 22.05
N LYS A 8 -27.09 8.63 21.21
CA LYS A 8 -25.85 9.12 20.61
C LYS A 8 -26.14 10.38 19.76
N ALA A 9 -27.27 10.40 19.03
CA ALA A 9 -27.62 11.57 18.23
C ALA A 9 -27.88 12.75 19.14
N GLY A 10 -28.56 12.50 20.26
CA GLY A 10 -28.81 13.58 21.20
C GLY A 10 -27.50 14.14 21.75
N SER A 11 -26.53 13.26 21.96
N SER A 11 -26.51 13.27 21.98
CA SER A 11 -25.23 13.68 22.49
CA SER A 11 -25.23 13.74 22.49
C SER A 11 -24.49 14.57 21.47
C SER A 11 -24.52 14.62 21.46
N LEU A 12 -24.61 14.23 20.20
CA LEU A 12 -24.00 15.02 19.13
C LEU A 12 -24.64 16.42 19.09
N ARG A 13 -25.95 16.49 19.31
N ARG A 13 -25.94 16.48 19.30
CA ARG A 13 -26.63 17.79 19.31
CA ARG A 13 -26.65 17.76 19.32
C ARG A 13 -26.05 18.65 20.44
C ARG A 13 -26.05 18.64 20.43
N MET A 14 -25.98 18.07 21.63
CA MET A 14 -25.41 18.78 22.78
C MET A 14 -23.97 19.22 22.56
N GLN A 15 -23.14 18.32 22.01
N GLN A 15 -23.14 18.34 21.99
CA GLN A 15 -21.74 18.63 21.77
CA GLN A 15 -21.74 18.67 21.74
C GLN A 15 -21.53 19.73 20.73
C GLN A 15 -21.59 19.77 20.68
N SER A 16 -22.41 19.81 19.74
N SER A 16 -22.51 19.81 19.72
CA SER A 16 -22.26 20.89 18.75
CA SER A 16 -22.45 20.84 18.68
C SER A 16 -22.60 22.26 19.38
C SER A 16 -22.67 22.24 19.31
N TYR A 17 -23.62 22.31 20.24
CA TYR A 17 -23.94 23.58 20.89
C TYR A 17 -22.80 23.96 21.81
N ARG A 18 -22.20 22.97 22.50
CA ARG A 18 -21.07 23.18 23.41
C ARG A 18 -19.84 23.78 22.70
N LEU A 19 -19.51 23.24 21.54
CA LEU A 19 -18.39 23.75 20.74
C LEU A 19 -18.71 25.13 20.20
N LEU A 20 -19.95 25.40 19.82
CA LEU A 20 -20.26 26.75 19.32
C LEU A 20 -20.05 27.79 20.42
N ALA A 21 -20.42 27.42 21.64
CA ALA A 21 -20.30 28.33 22.80
C ALA A 21 -18.83 28.60 23.14
N ALA A 22 -17.93 27.74 22.67
CA ALA A 22 -16.49 27.90 22.94
C ALA A 22 -15.74 28.75 21.87
N VAL A 23 -16.41 29.07 20.76
CA VAL A 23 -15.82 29.88 19.65
C VAL A 23 -15.41 31.28 20.21
N PRO A 24 -14.17 31.76 19.92
CA PRO A 24 -13.12 31.12 19.10
C PRO A 24 -12.40 29.99 19.85
N LEU A 25 -12.24 28.87 19.16
CA LEU A 25 -11.62 27.69 19.76
C LEU A 25 -10.12 27.88 19.92
N SER A 26 -9.56 27.16 20.89
CA SER A 26 -8.13 27.16 21.21
C SER A 26 -7.70 25.72 21.58
N GLU A 27 -6.44 25.55 21.98
N GLU A 27 -6.44 25.54 21.99
CA GLU A 27 -5.92 24.24 22.37
CA GLU A 27 -5.94 24.21 22.35
C GLU A 27 -6.81 23.45 23.33
C GLU A 27 -6.83 23.46 23.37
N LYS A 28 -7.33 24.13 24.36
N LYS A 28 -7.37 24.18 24.34
CA LYS A 28 -8.15 23.47 25.36
CA LYS A 28 -8.21 23.57 25.37
C LYS A 28 -9.46 22.84 24.83
C LYS A 28 -9.47 22.87 24.84
N ASP A 29 -9.86 23.19 23.61
CA ASP A 29 -11.11 22.62 23.03
C ASP A 29 -10.85 21.33 22.22
N LYS A 30 -9.57 20.96 22.07
CA LYS A 30 -9.28 19.77 21.29
C LYS A 30 -9.99 18.52 21.81
N PRO A 31 -10.09 18.37 23.15
CA PRO A 31 -10.75 17.21 23.73
C PRO A 31 -12.24 17.14 23.34
N LEU A 32 -12.88 18.30 23.17
CA LEU A 32 -14.31 18.32 22.77
C LEU A 32 -14.44 17.79 21.36
N ILE A 33 -13.50 18.17 20.51
CA ILE A 33 -13.56 17.74 19.13
C ILE A 33 -13.34 16.23 19.08
N LYS A 34 -12.40 15.75 19.89
CA LYS A 34 -12.13 14.31 19.91
C LYS A 34 -13.34 13.49 20.38
N GLU A 35 -13.97 13.97 21.44
N GLU A 35 -13.97 13.98 21.44
CA GLU A 35 -15.14 13.33 21.99
CA GLU A 35 -15.14 13.32 21.98
C GLU A 35 -16.25 13.28 20.94
C GLU A 35 -16.25 13.27 20.92
N MET A 36 -16.43 14.38 20.22
CA MET A 36 -17.46 14.44 19.19
C MET A 36 -17.16 13.47 18.04
N GLU A 37 -15.89 13.34 17.67
CA GLU A 37 -15.52 12.40 16.61
C GLU A 37 -15.83 10.92 17.02
N GLN A 38 -15.54 10.59 18.27
CA GLN A 38 -15.76 9.22 18.74
C GLN A 38 -17.24 8.88 18.73
N THR A 39 -18.06 9.90 19.02
CA THR A 39 -19.50 9.72 19.08
C THR A 39 -20.07 9.60 17.66
N ALA A 40 -19.60 10.45 16.76
CA ALA A 40 -20.09 10.43 15.37
C ALA A 40 -19.81 9.12 14.64
N PHE A 41 -18.70 8.46 14.97
CA PHE A 41 -18.38 7.19 14.30
C PHE A 41 -18.61 5.98 15.18
N SER A 42 -19.50 6.16 16.16
CA SER A 42 -19.88 5.11 17.10
C SER A 42 -20.34 3.84 16.35
N ALA A 43 -19.86 2.67 16.76
CA ALA A 43 -20.27 1.42 16.09
C ALA A 43 -21.80 1.19 16.15
N GLU A 44 -22.42 1.57 17.26
CA GLU A 44 -23.87 1.39 17.40
C GLU A 44 -24.66 2.34 16.50
N LEU A 45 -24.21 3.59 16.38
CA LEU A 45 -24.92 4.50 15.53
C LEU A 45 -24.94 3.85 14.16
N THR A 46 -23.79 3.29 13.76
CA THR A 46 -23.68 2.64 12.47
C THR A 46 -24.56 1.39 12.31
N ARG A 47 -24.54 0.51 13.31
CA ARG A 47 -25.35 -0.69 13.19
C ARG A 47 -26.83 -0.30 13.12
N ALA A 48 -27.25 0.63 13.95
CA ALA A 48 -28.65 1.05 13.91
C ALA A 48 -29.03 1.66 12.55
N ALA A 49 -28.12 2.44 11.96
CA ALA A 49 -28.43 3.07 10.68
C ALA A 49 -28.57 1.96 9.66
N GLU A 50 -27.67 0.97 9.73
CA GLU A 50 -27.75 -0.17 8.83
C GLU A 50 -29.08 -0.94 8.92
N ARG A 51 -29.52 -1.28 10.12
N ARG A 51 -29.51 -1.23 10.14
CA ARG A 51 -30.77 -2.05 10.20
CA ARG A 51 -30.76 -1.98 10.38
C ARG A 51 -32.01 -1.27 9.79
C ARG A 51 -31.98 -1.26 9.79
N ASP A 52 -31.98 0.06 9.95
CA ASP A 52 -33.10 0.90 9.55
C ASP A 52 -33.01 1.56 8.17
N GLY A 53 -31.99 1.21 7.38
CA GLY A 53 -31.83 1.77 6.04
C GLY A 53 -31.53 3.26 6.02
N GLN A 54 -30.68 3.72 6.94
N GLN A 54 -30.72 3.69 6.98
CA GLN A 54 -30.32 5.13 7.02
CA GLN A 54 -30.33 5.08 7.13
C GLN A 54 -28.83 5.33 6.80
C GLN A 54 -28.81 5.26 7.03
N LEU A 55 -28.10 4.27 6.46
CA LEU A 55 -26.63 4.40 6.32
C LEU A 55 -26.16 5.59 5.47
N ALA A 56 -26.83 5.86 4.36
CA ALA A 56 -26.44 7.00 3.54
C ALA A 56 -26.64 8.34 4.25
N GLN A 57 -27.71 8.43 5.04
CA GLN A 57 -27.99 9.65 5.75
C GLN A 57 -26.96 9.85 6.86
N LEU A 58 -26.59 8.76 7.54
CA LEU A 58 -25.57 8.84 8.59
C LEU A 58 -24.21 9.22 7.98
N GLN A 59 -23.82 8.55 6.89
CA GLN A 59 -22.54 8.88 6.24
C GLN A 59 -22.53 10.36 5.80
N GLY A 60 -23.68 10.86 5.35
CA GLY A 60 -23.79 12.25 4.94
C GLY A 60 -23.54 13.23 6.10
N LEU A 61 -24.05 12.90 7.30
CA LEU A 61 -23.83 13.73 8.45
C LEU A 61 -22.37 13.71 8.87
N GLN A 62 -21.76 12.54 8.74
CA GLN A 62 -20.35 12.38 9.10
C GLN A 62 -19.49 13.20 8.16
N ASP A 63 -19.82 13.15 6.88
CA ASP A 63 -19.11 13.93 5.86
C ASP A 63 -19.24 15.42 6.12
N TYR A 64 -20.46 15.88 6.48
CA TYR A 64 -20.67 17.30 6.77
C TYR A 64 -19.84 17.69 8.01
N TRP A 65 -19.89 16.85 9.04
CA TRP A 65 -19.11 17.15 10.24
C TRP A 65 -17.62 17.37 9.90
N ARG A 66 -17.02 16.42 9.20
CA ARG A 66 -15.60 16.52 8.87
C ARG A 66 -15.20 17.58 7.83
N ASN A 67 -16.01 17.72 6.79
CA ASN A 67 -15.65 18.61 5.70
C ASN A 67 -16.20 20.02 5.73
N GLU A 68 -17.19 20.28 6.59
CA GLU A 68 -17.77 21.60 6.62
C GLU A 68 -17.88 22.22 8.01
N LEU A 69 -18.43 21.46 8.94
CA LEU A 69 -18.68 22.00 10.28
C LEU A 69 -17.42 22.22 11.12
N ILE A 70 -16.60 21.18 11.29
CA ILE A 70 -15.39 21.38 12.06
C ILE A 70 -14.47 22.46 11.39
N PRO A 71 -14.28 22.42 10.06
CA PRO A 71 -13.43 23.44 9.42
C PRO A 71 -13.93 24.87 9.71
N ALA A 72 -15.23 25.07 9.62
CA ALA A 72 -15.83 26.37 9.90
C ALA A 72 -15.67 26.76 11.39
N LEU A 73 -15.84 25.79 12.30
CA LEU A 73 -15.70 26.11 13.73
C LEU A 73 -14.24 26.47 14.09
N MET A 74 -13.29 25.85 13.41
CA MET A 74 -11.85 26.13 13.66
C MET A 74 -11.45 27.52 13.15
N ARG A 75 -12.08 27.94 12.06
CA ARG A 75 -11.82 29.23 11.47
C ARG A 75 -12.55 30.40 12.18
N ALA A 76 -13.74 30.15 12.74
CA ALA A 76 -14.53 31.24 13.32
C ALA A 76 -13.93 32.13 14.42
N GLN A 77 -14.08 33.45 14.23
CA GLN A 77 -13.58 34.40 15.23
C GLN A 77 -14.73 34.82 16.15
N ASN A 78 -15.96 34.65 15.65
CA ASN A 78 -17.21 34.94 16.40
C ASN A 78 -18.32 33.96 15.97
N ARG A 79 -19.50 33.99 16.62
CA ARG A 79 -20.59 33.04 16.29
C ARG A 79 -21.50 33.44 15.13
N GLU A 80 -21.26 34.62 14.61
CA GLU A 80 -22.02 35.21 13.51
C GLU A 80 -22.47 34.29 12.37
N THR A 81 -21.55 33.67 11.64
CA THR A 81 -22.02 32.82 10.54
C THR A 81 -21.98 31.32 10.84
N VAL A 82 -21.07 30.90 11.71
CA VAL A 82 -21.00 29.47 11.99
C VAL A 82 -22.22 28.98 12.80
N SER A 83 -22.98 29.91 13.35
N SER A 83 -22.97 29.90 13.37
CA SER A 83 -24.18 29.51 14.13
CA SER A 83 -24.16 29.52 14.14
C SER A 83 -25.15 28.78 13.22
C SER A 83 -25.16 28.80 13.23
N ALA A 84 -25.31 29.28 12.00
CA ALA A 84 -26.24 28.65 11.06
C ALA A 84 -25.75 27.24 10.63
N ASP A 85 -24.42 27.05 10.59
N ASP A 85 -24.43 27.05 10.58
CA ASP A 85 -23.88 25.75 10.22
CA ASP A 85 -23.90 25.73 10.21
C ASP A 85 -24.17 24.72 11.33
C ASP A 85 -24.21 24.72 11.33
N VAL A 86 -24.14 25.16 12.58
CA VAL A 86 -24.42 24.28 13.71
C VAL A 86 -25.92 23.94 13.64
N SER A 87 -26.76 24.93 13.32
CA SER A 87 -28.19 24.69 13.21
C SER A 87 -28.52 23.65 12.13
N GLN A 88 -27.81 23.69 11.01
CA GLN A 88 -28.04 22.74 9.92
C GLN A 88 -27.63 21.33 10.38
N PHE A 89 -26.50 21.23 11.09
CA PHE A 89 -26.06 19.90 11.56
C PHE A 89 -27.12 19.30 12.52
N VAL A 90 -27.62 20.11 13.42
CA VAL A 90 -28.64 19.65 14.38
C VAL A 90 -29.92 19.24 13.62
N ALA A 91 -30.31 20.01 12.59
CA ALA A 91 -31.51 19.68 11.80
C ALA A 91 -31.31 18.32 11.12
N GLY A 92 -30.08 18.06 10.66
CA GLY A 92 -29.73 16.80 10.02
C GLY A 92 -29.86 15.62 11.01
N LEU A 93 -29.46 15.86 12.25
CA LEU A 93 -29.54 14.82 13.33
C LEU A 93 -31.02 14.56 13.62
N ASP A 94 -31.84 15.63 13.64
CA ASP A 94 -33.28 15.45 13.89
C ASP A 94 -33.85 14.59 12.78
N GLN A 95 -33.40 14.77 11.54
CA GLN A 95 -33.95 13.97 10.44
C GLN A 95 -33.51 12.50 10.60
N LEU A 96 -32.25 12.29 10.96
CA LEU A 96 -31.74 10.93 11.17
C LEU A 96 -32.61 10.19 12.24
N VAL A 97 -32.87 10.85 13.36
CA VAL A 97 -33.66 10.26 14.45
C VAL A 97 -35.08 9.91 13.97
N SER A 98 -35.63 10.75 13.10
N SER A 98 -35.66 10.75 13.13
CA SER A 98 -36.99 10.54 12.56
CA SER A 98 -37.02 10.47 12.66
C SER A 98 -37.07 9.23 11.79
C SER A 98 -37.05 9.18 11.85
N GLY A 99 -36.00 8.93 11.06
CA GLY A 99 -35.94 7.72 10.25
C GLY A 99 -35.66 6.40 10.97
N PHE A 100 -35.27 6.45 12.23
CA PHE A 100 -35.03 5.21 12.96
C PHE A 100 -36.39 4.61 13.39
N ASP A 101 -36.43 3.29 13.59
CA ASP A 101 -37.70 2.66 14.05
C ASP A 101 -37.65 2.90 15.57
N ARG A 102 -38.57 3.75 16.05
CA ARG A 102 -38.66 4.13 17.46
C ARG A 102 -39.74 3.31 18.21
N THR A 103 -40.27 2.24 17.59
CA THR A 103 -41.31 1.45 18.27
C THR A 103 -40.78 0.46 19.33
N THR A 104 -41.61 0.17 20.34
CA THR A 104 -41.21 -0.73 21.44
C THR A 104 -40.50 -2.04 21.06
N SER B 2 6.52 -10.04 24.17
CA SER B 2 5.33 -9.54 23.44
C SER B 2 5.15 -10.32 22.14
N ALA B 3 5.64 -11.55 22.08
CA ALA B 3 5.54 -12.31 20.85
C ALA B 3 4.12 -12.60 20.37
N HIS B 4 3.20 -12.73 21.31
CA HIS B 4 1.82 -13.02 20.94
C HIS B 4 1.19 -11.71 20.47
N ALA B 5 1.57 -10.61 21.11
CA ALA B 5 1.06 -9.28 20.72
C ALA B 5 1.52 -8.98 19.27
N ILE B 6 2.77 -9.35 18.97
CA ILE B 6 3.29 -9.12 17.60
C ILE B 6 2.51 -9.96 16.60
N ASN B 7 2.13 -11.19 16.98
CA ASN B 7 1.30 -12.04 16.12
C ASN B 7 -0.07 -11.42 15.82
N LYS B 8 -0.66 -10.78 16.83
CA LYS B 8 -1.94 -10.11 16.64
C LYS B 8 -1.76 -8.92 15.67
N ALA B 9 -0.67 -8.17 15.82
CA ALA B 9 -0.43 -7.02 14.91
C ALA B 9 -0.24 -7.57 13.49
N GLY B 10 0.33 -8.77 13.40
CA GLY B 10 0.49 -9.41 12.11
C GLY B 10 -0.85 -9.74 11.48
N SER B 11 -1.81 -10.25 12.27
CA SER B 11 -3.15 -10.56 11.72
C SER B 11 -3.81 -9.27 11.27
N LEU B 12 -3.65 -8.20 12.07
CA LEU B 12 -4.26 -6.91 11.68
C LEU B 12 -3.75 -6.43 10.32
N ARG B 13 -2.47 -6.64 10.06
CA ARG B 13 -1.86 -6.22 8.81
C ARG B 13 -2.50 -7.00 7.68
N MET B 14 -2.67 -8.32 7.87
CA MET B 14 -3.26 -9.12 6.82
C MET B 14 -4.74 -8.85 6.64
N GLN B 15 -5.48 -8.56 7.73
CA GLN B 15 -6.89 -8.27 7.56
C GLN B 15 -7.06 -6.94 6.80
N SER B 16 -6.15 -6.00 7.05
N SER B 16 -6.17 -5.98 7.03
CA SER B 16 -6.22 -4.71 6.36
CA SER B 16 -6.33 -4.72 6.31
C SER B 16 -6.08 -4.88 4.83
C SER B 16 -6.12 -4.91 4.80
N TYR B 17 -5.14 -5.73 4.39
CA TYR B 17 -4.94 -5.93 2.95
C TYR B 17 -6.01 -6.80 2.32
N ARG B 18 -6.56 -7.76 3.08
CA ARG B 18 -7.60 -8.60 2.51
C ARG B 18 -8.80 -7.72 2.28
N LEU B 19 -9.09 -6.80 3.21
CA LEU B 19 -10.22 -5.90 2.98
C LEU B 19 -9.98 -4.96 1.82
N LEU B 20 -8.75 -4.50 1.65
CA LEU B 20 -8.43 -3.58 0.55
C LEU B 20 -8.66 -4.31 -0.78
N ALA B 21 -8.29 -5.60 -0.80
CA ALA B 21 -8.45 -6.38 -2.01
C ALA B 21 -9.92 -6.62 -2.32
N ALA B 22 -10.80 -6.51 -1.32
CA ALA B 22 -12.23 -6.73 -1.55
C ALA B 22 -13.04 -5.50 -1.93
N VAL B 23 -12.42 -4.33 -1.87
CA VAL B 23 -13.12 -3.09 -2.23
C VAL B 23 -13.61 -3.15 -3.71
N PRO B 24 -14.87 -2.75 -3.96
CA PRO B 24 -15.89 -2.27 -3.01
C PRO B 24 -16.46 -3.39 -2.17
N LEU B 25 -16.61 -3.14 -0.88
CA LEU B 25 -17.16 -4.14 0.06
C LEU B 25 -18.65 -4.35 -0.09
N SER B 26 -19.10 -5.50 0.38
CA SER B 26 -20.52 -5.84 0.40
C SER B 26 -20.79 -6.73 1.61
N GLU B 27 -22.02 -7.23 1.66
CA GLU B 27 -22.50 -8.12 2.71
C GLU B 27 -21.53 -9.23 3.09
N LYS B 28 -21.05 -9.96 2.08
CA LYS B 28 -20.13 -11.06 2.30
C LYS B 28 -18.84 -10.70 3.05
N ASP B 29 -18.53 -9.41 3.16
CA ASP B 29 -17.30 -8.97 3.82
C ASP B 29 -17.47 -8.66 5.31
N LYS B 30 -18.68 -8.82 5.82
CA LYS B 30 -18.92 -8.55 7.24
C LYS B 30 -18.15 -9.45 8.19
N PRO B 31 -18.07 -10.77 7.91
CA PRO B 31 -17.32 -11.65 8.82
C PRO B 31 -15.87 -11.23 9.00
N LEU B 32 -15.23 -10.74 7.92
CA LEU B 32 -13.83 -10.33 8.02
C LEU B 32 -13.69 -9.07 8.85
N ILE B 33 -14.60 -8.10 8.68
CA ILE B 33 -14.56 -6.87 9.47
C ILE B 33 -14.70 -7.25 10.95
N LYS B 34 -15.63 -8.17 11.24
CA LYS B 34 -15.86 -8.60 12.63
C LYS B 34 -14.62 -9.30 13.23
N GLU B 35 -13.94 -10.14 12.45
N GLU B 35 -13.95 -10.14 12.44
CA GLU B 35 -12.73 -10.80 12.92
CA GLU B 35 -12.72 -10.82 12.88
C GLU B 35 -11.65 -9.74 13.18
C GLU B 35 -11.64 -9.75 13.17
N MET B 36 -11.59 -8.72 12.34
CA MET B 36 -10.58 -7.66 12.52
C MET B 36 -10.91 -6.86 13.79
N GLU B 37 -12.21 -6.64 14.03
CA GLU B 37 -12.62 -5.94 15.26
C GLU B 37 -12.15 -6.72 16.51
N GLN B 38 -12.39 -8.03 16.48
CA GLN B 38 -11.97 -8.88 17.61
C GLN B 38 -10.46 -8.86 17.79
N THR B 39 -9.70 -8.85 16.69
CA THR B 39 -8.24 -8.82 16.78
C THR B 39 -7.72 -7.45 17.32
N ALA B 40 -8.29 -6.37 16.83
CA ALA B 40 -7.89 -5.02 17.22
C ALA B 40 -8.04 -4.75 18.72
N PHE B 41 -9.07 -5.33 19.32
CA PHE B 41 -9.30 -5.08 20.74
C PHE B 41 -8.92 -6.30 21.57
N SER B 42 -8.06 -7.17 21.02
CA SER B 42 -7.68 -8.36 21.78
C SER B 42 -7.03 -8.01 23.11
N ALA B 43 -7.39 -8.78 24.11
CA ALA B 43 -6.90 -8.53 25.43
C ALA B 43 -5.38 -8.63 25.49
N GLU B 44 -4.79 -9.53 24.72
CA GLU B 44 -3.33 -9.68 24.77
C GLU B 44 -2.59 -8.47 24.20
N LEU B 45 -3.14 -7.88 23.14
CA LEU B 45 -2.50 -6.71 22.56
C LEU B 45 -2.49 -5.56 23.58
N THR B 46 -3.62 -5.39 24.28
CA THR B 46 -3.76 -4.35 25.30
C THR B 46 -2.78 -4.56 26.46
N ARG B 47 -2.69 -5.79 26.94
N ARG B 47 -2.68 -5.78 26.97
CA ARG B 47 -1.79 -6.15 28.04
CA ARG B 47 -1.75 -6.03 28.06
C ARG B 47 -0.34 -5.83 27.69
C ARG B 47 -0.31 -5.79 27.68
N ALA B 48 0.07 -6.23 26.48
CA ALA B 48 1.43 -6.04 26.02
C ALA B 48 1.76 -4.58 25.90
N ALA B 49 0.81 -3.83 25.35
CA ALA B 49 1.02 -2.42 25.17
C ALA B 49 1.17 -1.73 26.54
N GLU B 50 0.36 -2.14 27.50
CA GLU B 50 0.41 -1.56 28.83
C GLU B 50 1.75 -1.89 29.51
N ARG B 51 2.27 -3.10 29.30
CA ARG B 51 3.54 -3.50 29.89
C ARG B 51 4.69 -2.70 29.31
N ASP B 52 4.64 -2.47 28.01
CA ASP B 52 5.70 -1.75 27.32
C ASP B 52 5.54 -0.23 27.21
N GLY B 53 4.59 0.32 27.94
CA GLY B 53 4.35 1.76 27.91
C GLY B 53 3.89 2.30 26.55
N GLN B 54 3.08 1.53 25.84
CA GLN B 54 2.58 1.95 24.52
C GLN B 54 1.04 1.96 24.44
N LEU B 55 0.36 2.05 25.57
CA LEU B 55 -1.12 2.05 25.56
C LEU B 55 -1.71 3.21 24.75
N ALA B 56 -1.14 4.40 24.90
CA ALA B 56 -1.64 5.56 24.15
C ALA B 56 -1.48 5.30 22.66
N GLN B 57 -0.37 4.67 22.30
CA GLN B 57 -0.10 4.31 20.92
C GLN B 57 -1.16 3.34 20.39
N LEU B 58 -1.39 2.26 21.13
CA LEU B 58 -2.40 1.27 20.74
C LEU B 58 -3.78 1.94 20.67
N GLN B 59 -4.11 2.75 21.65
CA GLN B 59 -5.42 3.42 21.60
C GLN B 59 -5.58 4.33 20.35
N GLY B 60 -4.50 4.94 19.91
CA GLY B 60 -4.55 5.80 18.72
C GLY B 60 -4.81 4.97 17.47
N LEU B 61 -4.18 3.79 17.39
CA LEU B 61 -4.40 2.89 16.26
C LEU B 61 -5.84 2.41 16.24
N GLN B 62 -6.38 2.14 17.43
CA GLN B 62 -7.79 1.71 17.55
C GLN B 62 -8.72 2.86 17.16
N ASP B 63 -8.44 4.08 17.62
CA ASP B 63 -9.27 5.24 17.25
C ASP B 63 -9.22 5.45 15.70
N TYR B 64 -8.02 5.33 15.12
CA TYR B 64 -7.87 5.45 13.66
C TYR B 64 -8.68 4.38 12.91
N TRP B 65 -8.62 3.13 13.39
CA TRP B 65 -9.35 2.02 12.78
C TRP B 65 -10.87 2.31 12.76
N ARG B 66 -11.42 2.69 13.91
CA ARG B 66 -12.83 2.95 14.00
C ARG B 66 -13.29 4.25 13.34
N ASN B 67 -12.50 5.31 13.50
CA ASN B 67 -12.94 6.63 13.03
C ASN B 67 -12.52 7.02 11.64
N GLU B 68 -11.55 6.31 11.08
CA GLU B 68 -11.07 6.64 9.76
C GLU B 68 -10.92 5.51 8.79
N LEU B 69 -10.29 4.42 9.20
CA LEU B 69 -10.05 3.36 8.23
C LEU B 69 -11.30 2.61 7.81
N ILE B 70 -12.06 2.11 8.78
CA ILE B 70 -13.27 1.37 8.43
C ILE B 70 -14.26 2.29 7.65
N PRO B 71 -14.47 3.54 8.10
CA PRO B 71 -15.39 4.45 7.38
C PRO B 71 -14.90 4.62 5.91
N ALA B 72 -13.59 4.77 5.75
CA ALA B 72 -13.03 4.95 4.42
C ALA B 72 -13.20 3.67 3.60
N LEU B 73 -12.99 2.49 4.18
CA LEU B 73 -13.16 1.21 3.46
C LEU B 73 -14.63 0.95 3.07
N MET B 74 -15.57 1.33 3.93
CA MET B 74 -16.99 1.12 3.59
C MET B 74 -17.50 2.01 2.47
N ARG B 75 -16.91 3.20 2.33
N ARG B 75 -16.92 3.20 2.33
CA ARG B 75 -17.33 4.15 1.30
CA ARG B 75 -17.32 4.19 1.32
C ARG B 75 -16.64 3.90 -0.04
C ARG B 75 -16.58 4.04 -0.03
N ALA B 76 -15.41 3.41 0.02
CA ALA B 76 -14.61 3.23 -1.20
C ALA B 76 -15.22 2.48 -2.40
N GLN B 77 -15.18 3.11 -3.57
CA GLN B 77 -15.68 2.44 -4.77
C GLN B 77 -14.51 1.87 -5.57
N ASN B 78 -13.30 2.28 -5.25
CA ASN B 78 -12.08 1.77 -5.89
C ASN B 78 -10.95 1.89 -4.88
N ARG B 79 -9.77 1.37 -5.22
N ARG B 79 -9.77 1.35 -5.22
CA ARG B 79 -8.64 1.40 -4.30
CA ARG B 79 -8.64 1.38 -4.30
C ARG B 79 -7.75 2.64 -4.35
C ARG B 79 -7.75 2.62 -4.36
N GLU B 80 -8.07 3.57 -5.23
CA GLU B 80 -7.25 4.79 -5.38
C GLU B 80 -6.94 5.65 -4.13
N THR B 81 -7.91 6.09 -3.33
CA THR B 81 -7.51 6.89 -2.16
C THR B 81 -7.45 6.09 -0.85
N VAL B 82 -8.24 5.02 -0.79
CA VAL B 82 -8.24 4.24 0.45
C VAL B 82 -6.94 3.45 0.64
N SER B 83 -6.20 3.23 -0.45
N SER B 83 -6.18 3.21 -0.44
CA SER B 83 -4.92 2.55 -0.40
CA SER B 83 -4.89 2.50 -0.33
C SER B 83 -3.98 3.26 0.58
C SER B 83 -3.96 3.26 0.63
N ALA B 84 -4.02 4.58 0.58
CA ALA B 84 -3.16 5.38 1.49
C ALA B 84 -3.60 5.29 2.97
N ASP B 85 -4.89 5.12 3.20
CA ASP B 85 -5.32 4.98 4.59
C ASP B 85 -4.86 3.60 5.11
N VAL B 86 -4.88 2.59 4.25
CA VAL B 86 -4.42 1.25 4.68
C VAL B 86 -2.92 1.36 5.02
N SER B 87 -2.17 2.06 4.19
N SER B 87 -2.17 2.06 4.18
CA SER B 87 -0.75 2.24 4.43
CA SER B 87 -0.75 2.24 4.41
C SER B 87 -0.43 2.95 5.73
C SER B 87 -0.43 2.96 5.71
N GLN B 88 -1.23 3.96 6.08
CA GLN B 88 -1.00 4.71 7.31
C GLN B 88 -1.28 3.79 8.51
N PHE B 89 -2.34 3.00 8.41
CA PHE B 89 -2.68 2.07 9.50
C PHE B 89 -1.54 1.03 9.67
N VAL B 90 -1.08 0.46 8.56
CA VAL B 90 0.01 -0.56 8.61
C VAL B 90 1.33 0.04 9.11
N ALA B 91 1.61 1.29 8.77
CA ALA B 91 2.84 1.92 9.28
C ALA B 91 2.70 2.04 10.80
N GLY B 92 1.50 2.38 11.28
CA GLY B 92 1.24 2.50 12.72
C GLY B 92 1.49 1.18 13.44
N LEU B 93 1.02 0.08 12.84
CA LEU B 93 1.24 -1.27 13.38
C LEU B 93 2.72 -1.58 13.41
N ASP B 94 3.42 -1.28 12.32
CA ASP B 94 4.86 -1.56 12.27
C ASP B 94 5.56 -0.76 13.37
N GLN B 95 5.10 0.46 13.60
CA GLN B 95 5.67 1.33 14.64
C GLN B 95 5.45 0.71 16.04
N LEU B 96 4.25 0.21 16.29
CA LEU B 96 3.91 -0.45 17.54
C LEU B 96 4.80 -1.71 17.73
N VAL B 97 4.99 -2.51 16.67
CA VAL B 97 5.80 -3.74 16.74
C VAL B 97 7.28 -3.44 17.07
N SER B 98 7.81 -2.39 16.48
CA SER B 98 9.19 -2.02 16.73
C SER B 98 9.34 -1.66 18.22
N GLY B 99 8.26 -1.14 18.81
CA GLY B 99 8.27 -0.78 20.23
C GLY B 99 8.00 -1.92 21.22
N PHE B 100 7.79 -3.14 20.72
CA PHE B 100 7.52 -4.29 21.59
C PHE B 100 8.77 -5.04 22.05
N GLY C 1 21.58 7.62 -2.56
CA GLY C 1 20.67 7.30 -1.42
C GLY C 1 19.63 8.38 -1.28
N SER C 2 19.06 8.75 -2.42
CA SER C 2 18.08 9.79 -2.43
C SER C 2 16.76 9.23 -1.96
N ALA C 3 15.83 10.14 -1.82
CA ALA C 3 14.50 9.83 -1.39
C ALA C 3 13.82 8.91 -2.40
N HIS C 4 14.27 8.97 -3.64
CA HIS C 4 13.62 8.15 -4.64
C HIS C 4 13.90 6.65 -4.44
N ALA C 5 15.13 6.28 -4.10
CA ALA C 5 15.38 4.84 -3.90
C ALA C 5 14.65 4.41 -2.60
N ILE C 6 14.55 5.32 -1.64
CA ILE C 6 13.85 5.02 -0.39
C ILE C 6 12.36 4.74 -0.66
N ASN C 7 11.76 5.47 -1.61
CA ASN C 7 10.35 5.27 -1.95
C ASN C 7 10.18 3.90 -2.62
N LYS C 8 11.08 3.51 -3.52
CA LYS C 8 11.00 2.19 -4.16
C LYS C 8 11.07 1.08 -3.11
N ALA C 9 11.97 1.23 -2.13
CA ALA C 9 12.07 0.25 -1.05
C ALA C 9 10.75 0.18 -0.25
N GLY C 10 10.11 1.33 -0.05
CA GLY C 10 8.86 1.35 0.66
C GLY C 10 7.78 0.65 -0.15
N SER C 11 7.84 0.82 -1.48
CA SER C 11 6.90 0.18 -2.36
C SER C 11 7.06 -1.36 -2.28
N LEU C 12 8.30 -1.84 -2.22
CA LEU C 12 8.55 -3.29 -2.12
C LEU C 12 8.01 -3.83 -0.81
N ARG C 13 8.07 -3.03 0.25
N ARG C 13 8.07 -3.03 0.25
CA ARG C 13 7.56 -3.47 1.55
CA ARG C 13 7.54 -3.48 1.55
C ARG C 13 6.06 -3.71 1.47
C ARG C 13 6.05 -3.72 1.43
N MET C 14 5.34 -2.72 0.93
CA MET C 14 3.88 -2.81 0.74
C MET C 14 3.51 -3.99 -0.13
N GLN C 15 4.27 -4.19 -1.21
N GLN C 15 4.27 -4.20 -1.21
CA GLN C 15 3.94 -5.27 -2.12
CA GLN C 15 3.98 -5.31 -2.11
C GLN C 15 4.18 -6.65 -1.52
C GLN C 15 4.25 -6.66 -1.44
N SER C 16 5.15 -6.77 -0.62
N SER C 16 5.21 -6.70 -0.54
CA SER C 16 5.37 -8.08 -0.02
CA SER C 16 5.53 -7.95 0.16
C SER C 16 4.18 -8.38 0.92
C SER C 16 4.34 -8.38 1.05
N TYR C 17 3.70 -7.39 1.68
CA TYR C 17 2.55 -7.62 2.57
C TYR C 17 1.28 -7.98 1.80
N ARG C 18 1.07 -7.30 0.68
CA ARG C 18 -0.10 -7.51 -0.14
C ARG C 18 -0.07 -8.93 -0.74
N LEU C 19 1.13 -9.41 -1.13
CA LEU C 19 1.22 -10.78 -1.67
C LEU C 19 0.96 -11.76 -0.55
N LEU C 20 1.49 -11.48 0.65
CA LEU C 20 1.22 -12.43 1.73
C LEU C 20 -0.28 -12.53 2.03
N ALA C 21 -1.02 -11.41 1.92
CA ALA C 21 -2.45 -11.42 2.22
C ALA C 21 -3.22 -12.23 1.19
N ALA C 22 -2.61 -12.42 0.00
CA ALA C 22 -3.25 -13.20 -1.08
C ALA C 22 -3.01 -14.74 -0.99
N VAL C 23 -2.13 -15.19 -0.11
CA VAL C 23 -1.85 -16.64 0.05
C VAL C 23 -3.15 -17.39 0.48
N PRO C 24 -3.49 -18.53 -0.14
CA PRO C 24 -2.83 -19.27 -1.23
C PRO C 24 -3.00 -18.62 -2.60
N LEU C 25 -1.87 -18.42 -3.27
CA LEU C 25 -1.89 -17.77 -4.55
C LEU C 25 -2.44 -18.69 -5.63
N SER C 26 -2.91 -18.06 -6.69
CA SER C 26 -3.43 -18.77 -7.85
C SER C 26 -3.09 -17.89 -9.06
N GLU C 27 -3.47 -18.35 -10.24
CA GLU C 27 -3.21 -17.61 -11.47
C GLU C 27 -3.48 -16.12 -11.45
N LYS C 28 -4.57 -15.70 -10.83
CA LYS C 28 -4.93 -14.29 -10.76
C LYS C 28 -3.92 -13.39 -10.05
N ASP C 29 -2.99 -13.96 -9.29
CA ASP C 29 -2.03 -13.14 -8.55
C ASP C 29 -0.72 -12.89 -9.29
N LYS C 30 -0.60 -13.45 -10.49
CA LYS C 30 0.63 -13.24 -11.28
C LYS C 30 1.01 -11.78 -11.47
N PRO C 31 0.03 -10.90 -11.78
CA PRO C 31 0.35 -9.47 -11.98
C PRO C 31 1.08 -8.83 -10.79
N LEU C 32 0.78 -9.33 -9.58
CA LEU C 32 1.39 -8.82 -8.35
C LEU C 32 2.88 -9.15 -8.34
N ILE C 33 3.18 -10.40 -8.65
CA ILE C 33 4.57 -10.89 -8.67
C ILE C 33 5.29 -10.11 -9.76
N LYS C 34 4.66 -9.95 -10.90
CA LYS C 34 5.26 -9.18 -12.01
C LYS C 34 5.63 -7.73 -11.65
N GLU C 35 4.70 -7.03 -11.00
CA GLU C 35 4.98 -5.65 -10.59
C GLU C 35 6.07 -5.62 -9.51
N MET C 36 6.09 -6.64 -8.64
CA MET C 36 7.08 -6.66 -7.60
C MET C 36 8.47 -6.89 -8.25
N GLU C 37 8.56 -7.77 -9.24
CA GLU C 37 9.82 -8.01 -9.94
C GLU C 37 10.33 -6.68 -10.58
N GLN C 38 9.43 -5.93 -11.18
CA GLN C 38 9.81 -4.67 -11.85
C GLN C 38 10.41 -3.69 -10.82
N THR C 39 9.85 -3.70 -9.62
CA THR C 39 10.32 -2.80 -8.60
C THR C 39 11.65 -3.23 -7.99
N ALA C 40 11.81 -4.53 -7.78
CA ALA C 40 13.04 -5.04 -7.17
C ALA C 40 14.26 -4.82 -8.04
N PHE C 41 14.07 -4.82 -9.34
CA PHE C 41 15.20 -4.62 -10.25
C PHE C 41 15.20 -3.21 -10.85
N SER C 42 14.57 -2.27 -10.15
N SER C 42 14.51 -2.27 -10.21
CA SER C 42 14.49 -0.87 -10.60
CA SER C 42 14.44 -0.91 -10.75
C SER C 42 15.87 -0.26 -10.83
C SER C 42 15.82 -0.28 -10.87
N ALA C 43 16.04 0.47 -11.93
CA ALA C 43 17.35 1.08 -12.17
C ALA C 43 17.75 2.02 -11.05
N GLU C 44 16.79 2.73 -10.47
CA GLU C 44 17.16 3.69 -9.41
C GLU C 44 17.65 3.06 -8.13
N LEU C 45 17.13 1.88 -7.83
CA LEU C 45 17.54 1.20 -6.62
C LEU C 45 19.00 0.78 -6.80
N THR C 46 19.31 0.36 -8.01
CA THR C 46 20.66 -0.05 -8.34
C THR C 46 21.63 1.14 -8.28
N ARG C 47 21.25 2.23 -8.92
CA ARG C 47 22.11 3.43 -8.93
C ARG C 47 22.44 3.93 -7.51
N ALA C 48 21.42 3.98 -6.67
CA ALA C 48 21.59 4.46 -5.30
C ALA C 48 22.45 3.52 -4.48
N ALA C 49 22.26 2.21 -4.64
CA ALA C 49 23.04 1.23 -3.88
C ALA C 49 24.50 1.37 -4.24
N GLU C 50 24.76 1.49 -5.55
CA GLU C 50 26.11 1.69 -6.03
C GLU C 50 26.69 2.98 -5.45
N ARG C 51 25.92 4.06 -5.52
CA ARG C 51 26.41 5.32 -4.98
C ARG C 51 26.79 5.26 -3.52
N ASP C 52 26.04 4.48 -2.76
CA ASP C 52 26.27 4.44 -1.33
C ASP C 52 26.94 3.22 -0.76
N GLY C 53 27.61 2.47 -1.64
CA GLY C 53 28.33 1.28 -1.22
C GLY C 53 27.51 0.10 -0.73
N GLN C 54 26.26 -0.01 -1.19
CA GLN C 54 25.39 -1.11 -0.79
C GLN C 54 24.97 -2.04 -1.94
N LEU C 55 25.71 -2.08 -3.04
CA LEU C 55 25.31 -2.95 -4.15
C LEU C 55 25.28 -4.46 -3.81
N ALA C 56 26.26 -4.98 -3.09
CA ALA C 56 26.18 -6.43 -2.79
C ALA C 56 24.97 -6.73 -1.88
N GLN C 57 24.63 -5.78 -1.00
CA GLN C 57 23.47 -5.92 -0.10
C GLN C 57 22.14 -5.94 -0.90
N LEU C 58 22.01 -5.04 -1.87
CA LEU C 58 20.84 -5.03 -2.74
C LEU C 58 20.80 -6.34 -3.55
N GLN C 59 21.95 -6.78 -4.04
CA GLN C 59 22.00 -8.04 -4.79
C GLN C 59 21.54 -9.24 -3.91
N GLY C 60 21.96 -9.27 -2.65
CA GLY C 60 21.52 -10.33 -1.74
C GLY C 60 19.99 -10.33 -1.54
N LEU C 61 19.39 -9.14 -1.43
CA LEU C 61 17.94 -9.02 -1.29
C LEU C 61 17.23 -9.54 -2.55
N GLN C 62 17.80 -9.24 -3.72
CA GLN C 62 17.23 -9.70 -4.99
C GLN C 62 17.29 -11.22 -5.08
N ASP C 63 18.44 -11.78 -4.69
CA ASP C 63 18.60 -13.25 -4.70
C ASP C 63 17.61 -13.90 -3.77
N TYR C 64 17.44 -13.32 -2.58
CA TYR C 64 16.49 -13.87 -1.61
C TYR C 64 15.07 -13.83 -2.19
N TRP C 65 14.71 -12.73 -2.82
CA TRP C 65 13.40 -12.60 -3.40
C TRP C 65 13.17 -13.73 -4.43
N ARG C 66 14.08 -13.93 -5.37
CA ARG C 66 13.89 -14.95 -6.39
C ARG C 66 14.02 -16.40 -5.95
N ASN C 67 15.01 -16.66 -5.10
CA ASN C 67 15.35 -18.01 -4.69
C ASN C 67 14.69 -18.56 -3.47
N GLU C 68 14.15 -17.68 -2.64
CA GLU C 68 13.56 -18.11 -1.40
C GLU C 68 12.15 -17.61 -1.12
N LEU C 69 11.93 -16.31 -1.20
CA LEU C 69 10.62 -15.72 -0.88
C LEU C 69 9.54 -16.07 -1.92
N ILE C 70 9.80 -15.87 -3.21
CA ILE C 70 8.74 -16.21 -4.18
C ILE C 70 8.47 -17.74 -4.19
N PRO C 71 9.51 -18.59 -4.22
CA PRO C 71 9.21 -20.04 -4.20
C PRO C 71 8.38 -20.43 -2.97
N ALA C 72 8.71 -19.87 -1.80
CA ALA C 72 7.96 -20.19 -0.59
C ALA C 72 6.53 -19.69 -0.71
N LEU C 73 6.32 -18.49 -1.27
CA LEU C 73 4.95 -17.98 -1.39
C LEU C 73 4.11 -18.80 -2.38
N MET C 74 4.74 -19.36 -3.40
CA MET C 74 4.02 -20.18 -4.40
C MET C 74 3.59 -21.53 -3.86
N ARG C 75 4.32 -22.07 -2.89
CA ARG C 75 3.99 -23.37 -2.31
C ARG C 75 3.03 -23.26 -1.13
N ALA C 76 2.97 -22.08 -0.49
CA ALA C 76 2.16 -21.91 0.73
C ALA C 76 0.66 -22.13 0.63
N GLN C 77 0.14 -22.96 1.54
CA GLN C 77 -1.30 -23.24 1.60
C GLN C 77 -1.97 -22.31 2.62
N ASN C 78 -1.16 -21.74 3.51
CA ASN C 78 -1.59 -20.77 4.54
C ASN C 78 -0.42 -19.89 4.94
N ARG C 79 -0.65 -18.90 5.81
CA ARG C 79 0.44 -17.96 6.18
C ARG C 79 1.34 -18.35 7.37
N GLU C 80 1.06 -19.50 7.97
N GLU C 80 1.15 -19.56 7.89
CA GLU C 80 1.79 -19.95 9.15
CA GLU C 80 1.95 -20.02 9.06
C GLU C 80 3.32 -19.86 9.09
C GLU C 80 3.47 -19.95 8.89
N THR C 81 3.94 -20.30 8.02
N THR C 81 4.00 -20.54 7.83
CA THR C 81 5.40 -20.22 7.95
CA THR C 81 5.46 -20.50 7.65
C THR C 81 5.94 -19.16 6.99
C THR C 81 6.01 -19.31 6.88
N VAL C 82 5.28 -18.94 5.86
N VAL C 82 5.38 -18.99 5.76
CA VAL C 82 5.78 -17.95 4.91
CA VAL C 82 5.90 -17.89 4.93
C VAL C 82 5.74 -16.53 5.52
C VAL C 82 5.79 -16.51 5.57
N SER C 83 4.98 -16.36 6.61
CA SER C 83 4.88 -15.04 7.25
C SER C 83 6.25 -14.56 7.73
N ALA C 84 7.03 -15.46 8.30
CA ALA C 84 8.37 -15.10 8.78
C ALA C 84 9.32 -14.79 7.60
N ASP C 85 9.13 -15.47 6.47
CA ASP C 85 9.98 -15.19 5.32
C ASP C 85 9.71 -13.72 4.84
N VAL C 86 8.45 -13.29 4.83
CA VAL C 86 8.12 -11.91 4.44
C VAL C 86 8.72 -10.90 5.45
N SER C 87 8.63 -11.23 6.74
N SER C 87 8.63 -11.24 6.73
CA SER C 87 9.20 -10.37 7.78
CA SER C 87 9.18 -10.41 7.80
C SER C 87 10.70 -10.17 7.57
C SER C 87 10.69 -10.19 7.59
N GLN C 88 11.41 -11.26 7.24
CA GLN C 88 12.84 -11.20 7.01
C GLN C 88 13.18 -10.31 5.79
N PHE C 89 12.41 -10.45 4.70
CA PHE C 89 12.61 -9.61 3.51
C PHE C 89 12.42 -8.12 3.89
N VAL C 90 11.35 -7.82 4.61
CA VAL C 90 11.03 -6.43 5.02
C VAL C 90 12.16 -5.88 5.90
N ALA C 91 12.69 -6.73 6.77
CA ALA C 91 13.82 -6.32 7.63
C ALA C 91 15.08 -6.02 6.79
N GLY C 92 15.29 -6.81 5.75
CA GLY C 92 16.43 -6.57 4.87
C GLY C 92 16.27 -5.26 4.10
N LEU C 93 15.02 -4.89 3.78
CA LEU C 93 14.74 -3.64 3.09
C LEU C 93 14.99 -2.44 4.05
N ASP C 94 14.54 -2.59 5.28
CA ASP C 94 14.74 -1.54 6.30
C ASP C 94 16.23 -1.31 6.46
N GLN C 95 17.01 -2.38 6.49
CA GLN C 95 18.47 -2.26 6.63
C GLN C 95 19.08 -1.55 5.40
N LEU C 96 18.64 -1.93 4.20
CA LEU C 96 19.11 -1.28 2.98
C LEU C 96 18.76 0.23 3.01
N VAL C 97 17.57 0.57 3.47
CA VAL C 97 17.15 1.98 3.53
C VAL C 97 17.98 2.85 4.49
N SER C 98 18.33 2.29 5.64
N SER C 98 18.32 2.30 5.65
CA SER C 98 19.13 2.99 6.65
CA SER C 98 19.12 3.02 6.64
C SER C 98 20.50 3.37 6.11
C SER C 98 20.50 3.40 6.09
N GLY C 99 20.99 2.59 5.16
CA GLY C 99 22.30 2.84 4.57
C GLY C 99 22.35 3.84 3.42
N PHE C 100 21.20 4.29 2.92
CA PHE C 100 21.23 5.28 1.85
C PHE C 100 21.60 6.68 2.36
N ASP C 101 22.36 7.41 1.55
CA ASP C 101 22.84 8.76 1.89
C ASP C 101 21.70 9.75 2.04
N ARG C 102 21.60 10.35 3.22
CA ARG C 102 20.54 11.34 3.45
C ARG C 102 21.09 12.71 3.08
N THR C 103 21.63 12.80 1.86
CA THR C 103 22.22 14.04 1.35
C THR C 103 23.57 14.24 2.02
N GLY D 1 7.40 -4.49 -41.88
CA GLY D 1 8.86 -4.29 -42.08
C GLY D 1 9.62 -3.49 -41.03
N SER D 2 9.98 -2.26 -41.37
CA SER D 2 10.75 -1.40 -40.49
C SER D 2 12.20 -1.82 -40.47
N ALA D 3 12.88 -1.43 -41.54
CA ALA D 3 14.29 -1.72 -41.69
C ALA D 3 15.15 -1.08 -40.59
N HIS D 4 14.73 0.08 -40.08
N HIS D 4 14.75 0.08 -40.08
CA HIS D 4 15.48 0.75 -39.03
CA HIS D 4 15.55 0.72 -39.06
C HIS D 4 15.40 -0.07 -37.75
C HIS D 4 15.38 0.00 -37.71
N ALA D 5 14.21 -0.58 -37.47
CA ALA D 5 14.00 -1.36 -36.24
C ALA D 5 14.82 -2.63 -36.34
N ILE D 6 14.93 -3.21 -37.54
CA ILE D 6 15.73 -4.43 -37.69
C ILE D 6 17.21 -4.08 -37.42
N ASN D 7 17.63 -2.88 -37.85
N ASN D 7 17.62 -2.89 -37.85
CA ASN D 7 18.99 -2.41 -37.59
CA ASN D 7 18.99 -2.43 -37.62
C ASN D 7 19.23 -2.28 -36.09
C ASN D 7 19.23 -2.25 -36.10
N LYS D 8 18.26 -1.71 -35.37
CA LYS D 8 18.39 -1.55 -33.91
C LYS D 8 18.50 -2.94 -33.21
N ALA D 9 17.70 -3.92 -33.65
CA ALA D 9 17.79 -5.30 -33.09
C ALA D 9 19.19 -5.89 -33.35
N GLY D 10 19.77 -5.63 -34.53
CA GLY D 10 21.13 -6.08 -34.79
C GLY D 10 22.14 -5.48 -33.80
N SER D 11 22.02 -4.19 -33.48
CA SER D 11 22.91 -3.56 -32.49
C SER D 11 22.73 -4.23 -31.12
N LEU D 12 21.48 -4.53 -30.73
CA LEU D 12 21.25 -5.19 -29.44
C LEU D 12 21.92 -6.57 -29.42
N ARG D 13 21.89 -7.27 -30.56
CA ARG D 13 22.53 -8.56 -30.63
C ARG D 13 24.05 -8.44 -30.44
N MET D 14 24.67 -7.45 -31.08
CA MET D 14 26.11 -7.24 -30.93
C MET D 14 26.48 -6.75 -29.52
N GLN D 15 25.67 -5.88 -28.90
CA GLN D 15 25.95 -5.40 -27.54
C GLN D 15 25.90 -6.57 -26.54
N SER D 16 24.97 -7.49 -26.79
N SER D 16 24.96 -7.49 -26.75
CA SER D 16 24.84 -8.68 -25.92
CA SER D 16 24.88 -8.63 -25.82
C SER D 16 26.08 -9.52 -25.90
C SER D 16 26.12 -9.50 -25.89
N TYR D 17 26.61 -9.78 -27.10
CA TYR D 17 27.82 -10.63 -27.22
C TYR D 17 29.08 -9.90 -26.76
N ARG D 18 29.13 -8.58 -26.98
CA ARG D 18 30.28 -7.81 -26.49
C ARG D 18 30.30 -7.85 -24.97
N LEU D 19 29.11 -7.76 -24.33
CA LEU D 19 29.09 -7.84 -22.87
C LEU D 19 29.46 -9.23 -22.34
N LEU D 20 29.02 -10.29 -23.03
CA LEU D 20 29.36 -11.65 -22.60
C LEU D 20 30.89 -11.82 -22.66
N ALA D 21 31.49 -11.29 -23.72
CA ALA D 21 32.95 -11.38 -23.87
C ALA D 21 33.68 -10.58 -22.78
N ALA D 22 33.02 -9.56 -22.23
CA ALA D 22 33.66 -8.75 -21.16
C ALA D 22 33.55 -9.32 -19.75
N VAL D 23 32.79 -10.40 -19.59
CA VAL D 23 32.62 -11.00 -18.26
C VAL D 23 34.01 -11.46 -17.75
N PRO D 24 34.35 -11.15 -16.47
CA PRO D 24 33.55 -10.41 -15.48
C PRO D 24 33.53 -8.89 -15.73
N LEU D 25 32.35 -8.28 -15.69
CA LEU D 25 32.24 -6.86 -15.96
C LEU D 25 32.85 -5.99 -14.85
N SER D 26 33.25 -4.78 -15.24
CA SER D 26 33.78 -3.81 -14.26
C SER D 26 33.31 -2.41 -14.66
N GLU D 27 33.79 -1.39 -13.94
CA GLU D 27 33.43 0.00 -14.23
C GLU D 27 33.61 0.42 -15.71
N LYS D 28 34.62 -0.09 -16.39
CA LYS D 28 34.83 0.30 -17.78
C LYS D 28 33.75 -0.18 -18.76
N ASP D 29 32.87 -1.05 -18.28
CA ASP D 29 31.79 -1.58 -19.11
C ASP D 29 30.50 -0.78 -19.00
N LYS D 30 30.49 0.23 -18.13
CA LYS D 30 29.28 1.04 -17.97
C LYS D 30 28.86 1.78 -19.27
N PRO D 31 29.81 2.33 -20.05
CA PRO D 31 29.46 3.02 -21.30
C PRO D 31 28.69 2.10 -22.28
N LEU D 32 29.13 0.85 -22.40
CA LEU D 32 28.46 -0.10 -23.29
C LEU D 32 27.08 -0.46 -22.77
N ILE D 33 26.92 -0.64 -21.45
CA ILE D 33 25.62 -0.99 -20.90
C ILE D 33 24.70 0.21 -21.19
N LYS D 34 25.22 1.42 -21.01
CA LYS D 34 24.39 2.64 -21.30
C LYS D 34 24.00 2.75 -22.80
N GLU D 35 24.89 2.40 -23.72
N GLU D 35 24.92 2.37 -23.69
CA GLU D 35 24.55 2.46 -25.13
CA GLU D 35 24.69 2.38 -25.13
C GLU D 35 23.49 1.39 -25.39
C GLU D 35 23.55 1.38 -25.41
N MET D 36 23.64 0.22 -24.74
CA MET D 36 22.62 -0.83 -24.93
C MET D 36 21.23 -0.38 -24.43
N GLU D 37 21.21 0.36 -23.32
CA GLU D 37 19.93 0.85 -22.77
C GLU D 37 19.26 1.83 -23.75
N GLN D 38 20.05 2.75 -24.29
CA GLN D 38 19.54 3.74 -25.24
C GLN D 38 18.98 3.07 -26.49
N THR D 39 19.63 1.99 -26.90
CA THR D 39 19.18 1.25 -28.07
C THR D 39 17.86 0.48 -27.80
N ALA D 40 17.79 -0.19 -26.65
CA ALA D 40 16.62 -0.99 -26.26
C ALA D 40 15.33 -0.14 -26.13
N PHE D 41 15.49 1.09 -25.67
CA PHE D 41 14.33 1.97 -25.51
C PHE D 41 14.23 3.03 -26.60
N SER D 42 14.82 2.75 -27.75
N SER D 42 14.88 2.80 -27.73
CA SER D 42 14.80 3.64 -28.91
CA SER D 42 14.85 3.77 -28.82
C SER D 42 13.37 3.96 -29.37
C SER D 42 13.42 3.98 -29.34
N ALA D 43 13.09 5.23 -29.64
CA ALA D 43 11.75 5.61 -30.09
C ALA D 43 11.31 4.87 -31.34
N GLU D 44 12.24 4.59 -32.24
CA GLU D 44 11.87 3.90 -33.47
C GLU D 44 11.62 2.42 -33.32
N LEU D 45 12.41 1.76 -32.48
CA LEU D 45 12.15 0.36 -32.26
C LEU D 45 10.74 0.31 -31.65
N THR D 46 10.39 1.31 -30.82
CA THR D 46 9.07 1.32 -30.20
C THR D 46 7.95 1.60 -31.21
N ARG D 47 8.11 2.61 -32.05
CA ARG D 47 7.06 2.91 -33.05
C ARG D 47 6.81 1.75 -34.01
N ALA D 48 7.87 1.08 -34.44
CA ALA D 48 7.72 -0.05 -35.37
C ALA D 48 7.01 -1.23 -34.75
N ALA D 49 7.34 -1.54 -33.50
CA ALA D 49 6.70 -2.65 -32.83
C ALA D 49 5.20 -2.31 -32.70
N GLU D 50 4.89 -1.05 -32.45
CA GLU D 50 3.51 -0.60 -32.31
C GLU D 50 2.80 -0.82 -33.64
N ARG D 51 3.40 -0.35 -34.72
CA ARG D 51 2.82 -0.49 -36.05
C ARG D 51 2.61 -1.93 -36.48
N ASP D 52 3.49 -2.83 -36.07
CA ASP D 52 3.41 -4.24 -36.47
C ASP D 52 2.69 -5.16 -35.50
N GLY D 53 2.07 -4.58 -34.48
CA GLY D 53 1.35 -5.36 -33.50
C GLY D 53 2.28 -6.20 -32.61
N GLN D 54 3.54 -5.77 -32.50
CA GLN D 54 4.49 -6.48 -31.67
C GLN D 54 4.95 -5.78 -30.39
N LEU D 55 4.19 -4.80 -29.91
CA LEU D 55 4.61 -4.06 -28.70
C LEU D 55 4.77 -4.94 -27.46
N ALA D 56 3.84 -5.88 -27.26
CA ALA D 56 3.94 -6.78 -26.11
C ALA D 56 5.26 -7.57 -26.15
N GLN D 57 5.64 -8.03 -27.33
CA GLN D 57 6.87 -8.79 -27.54
C GLN D 57 8.10 -7.90 -27.22
N LEU D 58 8.10 -6.68 -27.72
CA LEU D 58 9.21 -5.76 -27.40
C LEU D 58 9.23 -5.45 -25.88
N GLN D 59 8.08 -5.15 -25.30
CA GLN D 59 8.08 -4.86 -23.84
C GLN D 59 8.62 -6.06 -23.04
N GLY D 60 8.36 -7.25 -23.54
CA GLY D 60 8.83 -8.48 -22.91
C GLY D 60 10.33 -8.55 -22.93
N LEU D 61 10.91 -8.19 -24.09
CA LEU D 61 12.38 -8.18 -24.26
C LEU D 61 13.00 -7.10 -23.37
N GLN D 62 12.36 -5.92 -23.28
CA GLN D 62 12.86 -4.84 -22.42
C GLN D 62 12.81 -5.27 -20.96
N ASP D 63 11.74 -5.94 -20.54
CA ASP D 63 11.62 -6.45 -19.18
C ASP D 63 12.71 -7.51 -18.90
N TYR D 64 12.91 -8.42 -19.86
CA TYR D 64 13.92 -9.47 -19.69
C TYR D 64 15.31 -8.85 -19.53
N TRP D 65 15.59 -7.83 -20.34
CA TRP D 65 16.87 -7.15 -20.30
C TRP D 65 17.13 -6.55 -18.89
N ARG D 66 16.17 -5.76 -18.41
CA ARG D 66 16.32 -5.11 -17.12
C ARG D 66 16.25 -6.06 -15.93
N ASN D 67 15.34 -7.02 -15.97
CA ASN D 67 15.15 -7.91 -14.81
C ASN D 67 15.92 -9.21 -14.73
N GLU D 68 16.48 -9.63 -15.86
CA GLU D 68 17.17 -10.90 -15.90
C GLU D 68 18.56 -10.87 -16.54
N LEU D 69 18.67 -10.32 -17.74
CA LEU D 69 19.98 -10.32 -18.43
C LEU D 69 21.04 -9.46 -17.79
N ILE D 70 20.73 -8.17 -17.58
CA ILE D 70 21.74 -7.31 -16.98
C ILE D 70 22.07 -7.79 -15.55
N PRO D 71 21.06 -8.14 -14.72
CA PRO D 71 21.43 -8.62 -13.35
C PRO D 71 22.37 -9.85 -13.42
N ALA D 72 22.08 -10.76 -14.33
CA ALA D 72 22.91 -11.95 -14.49
C ALA D 72 24.33 -11.59 -14.98
N LEU D 73 24.43 -10.68 -15.95
CA LEU D 73 25.76 -10.26 -16.47
C LEU D 73 26.60 -9.56 -15.37
N MET D 74 25.95 -8.70 -14.58
N MET D 74 25.92 -8.84 -14.47
CA MET D 74 26.64 -7.97 -13.51
CA MET D 74 26.61 -8.18 -13.34
C MET D 74 27.22 -8.86 -12.44
C MET D 74 27.14 -9.17 -12.30
N ARG D 75 26.61 -10.03 -12.24
N ARG D 75 26.40 -10.25 -12.08
CA ARG D 75 27.05 -10.97 -11.21
CA ARG D 75 26.79 -11.26 -11.09
C ARG D 75 28.05 -12.00 -11.73
C ARG D 75 27.78 -12.30 -11.67
N ALA D 76 27.89 -12.38 -12.99
CA ALA D 76 28.74 -13.45 -13.55
C ALA D 76 30.26 -13.38 -13.37
N GLN D 77 30.83 -14.50 -12.85
CA GLN D 77 32.30 -14.64 -12.68
C GLN D 77 32.88 -15.54 -13.80
N ASN D 78 32.01 -16.14 -14.59
CA ASN D 78 32.37 -17.01 -15.72
C ASN D 78 31.25 -16.99 -16.75
N ARG D 79 31.52 -17.47 -17.96
N ARG D 79 31.53 -17.48 -17.96
CA ARG D 79 30.50 -17.46 -18.99
CA ARG D 79 30.52 -17.48 -19.02
C ARG D 79 29.59 -18.70 -19.01
C ARG D 79 29.60 -18.69 -19.00
N GLU D 80 29.86 -19.63 -18.10
CA GLU D 80 29.06 -20.88 -18.00
C GLU D 80 27.54 -20.78 -17.99
N THR D 81 26.94 -20.01 -17.12
CA THR D 81 25.48 -20.01 -17.19
C THR D 81 24.94 -18.77 -17.86
N VAL D 82 25.71 -17.68 -17.82
CA VAL D 82 25.16 -16.47 -18.43
C VAL D 82 25.07 -16.60 -19.96
N SER D 83 25.84 -17.52 -20.55
N SER D 83 25.84 -17.52 -20.55
CA SER D 83 25.79 -17.70 -22.01
CA SER D 83 25.79 -17.70 -22.01
C SER D 83 24.37 -18.07 -22.47
C SER D 83 24.36 -18.06 -22.45
N ALA D 84 23.69 -18.89 -21.66
CA ALA D 84 22.32 -19.29 -21.99
C ALA D 84 21.36 -18.10 -21.88
N ASP D 85 21.60 -17.20 -20.94
CA ASP D 85 20.72 -16.03 -20.79
C ASP D 85 20.91 -15.12 -22.00
N VAL D 86 22.15 -15.00 -22.47
CA VAL D 86 22.42 -14.20 -23.66
C VAL D 86 21.71 -14.88 -24.87
N SER D 87 21.90 -16.19 -24.98
N SER D 87 21.80 -16.20 -24.91
CA SER D 87 21.27 -16.93 -26.09
CA SER D 87 21.14 -16.94 -25.98
C SER D 87 19.76 -16.75 -26.15
C SER D 87 19.63 -16.75 -26.00
N GLN D 88 19.13 -16.73 -24.97
N GLN D 88 19.00 -16.73 -24.82
CA GLN D 88 17.69 -16.53 -24.90
CA GLN D 88 17.56 -16.52 -24.79
C GLN D 88 17.30 -15.12 -25.39
C GLN D 88 17.18 -15.10 -25.25
N PHE D 89 18.00 -14.10 -24.89
CA PHE D 89 17.69 -12.71 -25.31
C PHE D 89 17.81 -12.58 -26.85
N VAL D 90 18.87 -13.15 -27.41
CA VAL D 90 19.14 -13.10 -28.86
C VAL D 90 18.03 -13.87 -29.63
N ALA D 91 17.55 -14.97 -29.06
CA ALA D 91 16.45 -15.75 -29.69
C ALA D 91 15.19 -14.85 -29.76
N GLY D 92 14.97 -14.04 -28.72
CA GLY D 92 13.86 -13.10 -28.67
C GLY D 92 14.03 -12.00 -29.73
N LEU D 93 15.23 -11.45 -29.88
CA LEU D 93 15.48 -10.43 -30.91
C LEU D 93 15.23 -11.09 -32.29
N ASP D 94 15.74 -12.31 -32.48
CA ASP D 94 15.58 -12.95 -33.79
C ASP D 94 14.09 -13.12 -34.10
N GLN D 95 13.27 -13.44 -33.10
CA GLN D 95 11.80 -13.61 -33.25
C GLN D 95 11.12 -12.25 -33.58
N LEU D 96 11.55 -11.21 -32.88
CA LEU D 96 11.03 -9.87 -33.16
C LEU D 96 11.37 -9.48 -34.61
N VAL D 97 12.59 -9.76 -35.07
CA VAL D 97 12.94 -9.38 -36.42
C VAL D 97 12.10 -10.20 -37.43
N SER D 98 11.88 -11.48 -37.13
N SER D 98 11.89 -11.49 -37.14
CA SER D 98 11.10 -12.34 -38.02
CA SER D 98 11.10 -12.33 -38.03
C SER D 98 9.68 -11.80 -38.08
C SER D 98 9.66 -11.83 -38.08
N GLY D 99 9.24 -11.17 -37.00
CA GLY D 99 7.90 -10.63 -36.93
C GLY D 99 7.73 -9.37 -37.77
N PHE D 100 8.85 -8.71 -38.11
CA PHE D 100 8.79 -7.50 -38.91
C PHE D 100 8.65 -7.85 -40.40
#